data_7HHC
#
_entry.id   7HHC
#
_cell.length_a   41.350
_cell.length_b   42.070
_cell.length_c   158.200
_cell.angle_alpha   90.00
_cell.angle_beta   90.00
_cell.angle_gamma   90.00
#
_symmetry.space_group_name_H-M   'P 21 21 21'
#
loop_
_entity.id
_entity.type
_entity.pdbx_description
1 polymer 'Hepatoma-derived growth factor-related protein 2'
2 non-polymer 'SULFATE ION'
3 non-polymer 1,2-ETHANEDIOL
4 non-polymer (4-methylpiperazin-1-yl)[(2R)-oxolan-2-yl]methanone
5 water water
#
_entity_poly.entity_id   1
_entity_poly.type   'polypeptide(L)'
_entity_poly.pdbx_seq_one_letter_code
;GMPHAFKPGDLVFAKMKGYPHWPARIDDIADGAVKPPPNKYPIFFFGTHETAFLGPKDLFPYDKSKDKYGKPNKRKGFNE
GLWEIQNNPHASYS
;
_entity_poly.pdbx_strand_id   A,B,C
#
# COMPACT_ATOMS: atom_id res chain seq x y z
N MET A 2 23.95 1.64 -15.26
CA MET A 2 24.45 1.91 -13.89
C MET A 2 23.30 2.38 -12.99
N PRO A 3 23.36 2.06 -11.67
CA PRO A 3 22.34 2.44 -10.68
C PRO A 3 22.11 3.94 -10.50
N HIS A 4 20.84 4.28 -10.26
CA HIS A 4 20.46 5.63 -9.87
C HIS A 4 20.31 5.59 -8.35
N ALA A 5 19.97 6.73 -7.77
CA ALA A 5 19.51 6.81 -6.41
C ALA A 5 18.12 6.14 -6.31
N PHE A 6 17.77 5.71 -5.10
CA PHE A 6 16.45 5.16 -4.84
C PHE A 6 15.37 6.21 -5.09
N LYS A 7 14.22 5.75 -5.63
CA LYS A 7 13.09 6.64 -5.82
C LYS A 7 11.81 5.92 -5.39
N PRO A 8 10.74 6.67 -5.10
CA PRO A 8 9.46 6.04 -4.75
C PRO A 8 9.08 5.07 -5.86
N GLY A 9 8.54 3.91 -5.45
CA GLY A 9 8.13 2.85 -6.34
C GLY A 9 9.19 1.75 -6.48
N ASP A 10 10.45 2.04 -6.13
CA ASP A 10 11.42 0.97 -6.21
C ASP A 10 11.13 -0.17 -5.23
N LEU A 11 11.42 -1.40 -5.69
CA LEU A 11 11.10 -2.59 -4.88
C LEU A 11 12.40 -3.13 -4.31
N VAL A 12 12.30 -3.56 -3.04
CA VAL A 12 13.51 -3.95 -2.31
C VAL A 12 13.19 -5.12 -1.39
N PHE A 13 14.28 -5.73 -0.84
CA PHE A 13 14.18 -6.34 0.48
C PHE A 13 14.86 -5.38 1.47
N ALA A 14 14.16 -5.08 2.57
CA ALA A 14 14.63 -4.11 3.54
C ALA A 14 15.02 -4.85 4.80
N LYS A 15 16.17 -4.43 5.38
CA LYS A 15 16.68 -5.15 6.54
C LYS A 15 16.54 -4.29 7.79
N MET A 16 15.90 -4.91 8.79
CA MET A 16 15.93 -4.37 10.13
C MET A 16 16.44 -5.39 11.14
N LYS A 17 17.09 -4.82 12.15
CA LYS A 17 17.68 -5.57 13.26
C LYS A 17 16.70 -6.62 13.72
N GLY A 18 17.17 -7.88 13.73
CA GLY A 18 16.37 -8.93 14.33
C GLY A 18 15.30 -9.48 13.40
N TYR A 19 15.22 -9.01 12.14
CA TYR A 19 14.23 -9.56 11.22
C TYR A 19 14.93 -10.04 9.95
N PRO A 20 14.37 -11.03 9.20
CA PRO A 20 14.93 -11.42 7.91
C PRO A 20 14.73 -10.27 6.93
N HIS A 21 15.57 -10.19 5.90
CA HIS A 21 15.41 -9.27 4.78
C HIS A 21 13.95 -9.39 4.29
N TRP A 22 13.23 -8.25 4.19
CA TRP A 22 11.76 -8.27 4.12
C TRP A 22 11.30 -7.62 2.82
N PRO A 23 10.36 -8.24 2.04
CA PRO A 23 9.84 -7.60 0.82
C PRO A 23 9.21 -6.25 1.15
N ALA A 24 9.60 -5.24 0.36
CA ALA A 24 9.17 -3.89 0.68
C ALA A 24 9.29 -2.97 -0.52
N ARG A 25 8.75 -1.75 -0.36
CA ARG A 25 8.90 -0.74 -1.38
C ARG A 25 9.29 0.61 -0.79
N ILE A 26 9.91 1.44 -1.63
CA ILE A 26 10.10 2.84 -1.26
C ILE A 26 8.77 3.56 -1.52
N ASP A 27 8.20 4.14 -0.46
CA ASP A 27 6.93 4.84 -0.63
C ASP A 27 7.14 6.29 -1.04
N ASP A 28 6.08 6.89 -1.60
CA ASP A 28 5.96 8.33 -1.70
C ASP A 28 5.58 8.88 -0.34
N ILE A 29 5.77 10.17 -0.14
CA ILE A 29 5.23 10.85 1.03
C ILE A 29 3.98 11.57 0.54
N ALA A 30 2.82 11.31 1.16
CA ALA A 30 1.59 11.95 0.70
C ALA A 30 1.67 13.44 1.06
N ASP A 31 1.01 14.28 0.25
CA ASP A 31 0.85 15.67 0.65
C ASP A 31 0.30 15.67 2.06
N GLY A 32 0.90 16.48 2.96
CA GLY A 32 0.38 16.65 4.29
C GLY A 32 0.89 15.62 5.29
N ALA A 33 1.61 14.59 4.80
CA ALA A 33 2.08 13.49 5.64
C ALA A 33 3.43 13.80 6.28
N VAL A 34 3.77 13.01 7.31
CA VAL A 34 5.02 13.13 8.03
C VAL A 34 6.19 12.69 7.14
N LYS A 35 7.17 13.58 6.98
CA LYS A 35 8.39 13.39 6.20
C LYS A 35 9.38 12.54 7.00
N PRO A 36 10.23 11.75 6.31
CA PRO A 36 11.30 10.98 6.97
C PRO A 36 12.38 11.92 7.47
N PRO A 37 13.28 11.47 8.37
CA PRO A 37 14.51 12.21 8.64
C PRO A 37 15.38 12.32 7.40
N PRO A 38 16.34 13.28 7.34
CA PRO A 38 17.29 13.38 6.23
C PRO A 38 18.06 12.08 5.99
N ASN A 39 18.34 11.83 4.70
CA ASN A 39 19.03 10.64 4.23
C ASN A 39 18.25 9.35 4.48
N LYS A 40 16.98 9.44 4.95
CA LYS A 40 16.15 8.24 5.15
C LYS A 40 14.97 8.24 4.16
N TYR A 41 14.48 7.03 3.87
CA TYR A 41 13.36 6.83 2.93
C TYR A 41 12.20 6.21 3.68
N PRO A 42 10.93 6.48 3.28
CA PRO A 42 9.81 5.79 3.90
C PRO A 42 9.70 4.42 3.27
N ILE A 43 9.85 3.39 4.10
CA ILE A 43 9.80 2.02 3.59
C ILE A 43 8.46 1.40 3.97
N PHE A 44 7.72 0.92 2.96
CA PHE A 44 6.50 0.16 3.23
C PHE A 44 6.80 -1.33 3.12
N PHE A 45 6.59 -2.06 4.23
CA PHE A 45 6.85 -3.49 4.26
C PHE A 45 5.59 -4.23 3.82
N PHE A 46 5.73 -5.07 2.79
CA PHE A 46 4.62 -5.89 2.33
C PHE A 46 4.26 -6.91 3.42
N GLY A 47 3.00 -7.32 3.40
CA GLY A 47 2.51 -8.35 4.31
C GLY A 47 2.12 -7.73 5.66
N THR A 48 3.09 -7.14 6.38
CA THR A 48 2.78 -6.47 7.63
C THR A 48 2.08 -5.13 7.38
N HIS A 49 2.39 -4.51 6.25
CA HIS A 49 1.89 -3.19 5.89
C HIS A 49 2.35 -2.11 6.86
N GLU A 50 3.52 -2.30 7.50
CA GLU A 50 4.11 -1.35 8.43
C GLU A 50 5.06 -0.43 7.65
N THR A 51 5.30 0.79 8.16
CA THR A 51 6.26 1.73 7.58
C THR A 51 7.39 1.95 8.58
N ALA A 52 8.63 1.92 8.10
CA ALA A 52 9.74 2.43 8.88
C ALA A 52 10.61 3.30 8.00
N PHE A 53 11.51 4.08 8.63
CA PHE A 53 12.39 4.96 7.89
C PHE A 53 13.77 4.32 7.86
N LEU A 54 14.32 4.11 6.64
CA LEU A 54 15.57 3.37 6.54
C LEU A 54 16.49 4.07 5.55
N GLY A 55 17.80 3.88 5.75
CA GLY A 55 18.75 4.40 4.77
C GLY A 55 19.20 3.29 3.80
N PRO A 56 19.90 3.64 2.71
CA PRO A 56 20.31 2.72 1.65
C PRO A 56 21.10 1.50 2.09
N LYS A 57 21.83 1.64 3.21
CA LYS A 57 22.59 0.47 3.66
C LYS A 57 21.72 -0.71 4.04
N ASP A 58 20.40 -0.49 4.30
CA ASP A 58 19.49 -1.54 4.66
C ASP A 58 18.54 -1.91 3.50
N LEU A 59 18.80 -1.40 2.29
CA LEU A 59 17.87 -1.57 1.15
C LEU A 59 18.55 -2.35 0.03
N PHE A 60 18.01 -3.54 -0.26
CA PHE A 60 18.59 -4.44 -1.27
C PHE A 60 17.66 -4.52 -2.48
N PRO A 61 18.06 -4.02 -3.66
CA PRO A 61 17.16 -4.04 -4.83
C PRO A 61 16.60 -5.42 -5.10
N TYR A 62 15.27 -5.47 -5.37
CA TYR A 62 14.51 -6.70 -5.43
C TYR A 62 15.00 -7.65 -6.53
N ASP A 63 15.23 -7.12 -7.76
CA ASP A 63 15.59 -8.00 -8.89
C ASP A 63 16.86 -8.78 -8.57
N LYS A 64 17.89 -8.06 -8.07
CA LYS A 64 19.19 -8.67 -7.76
C LYS A 64 19.11 -9.63 -6.58
N SER A 65 18.19 -9.40 -5.64
CA SER A 65 18.21 -10.06 -4.34
C SER A 65 17.20 -11.19 -4.16
N LYS A 66 16.26 -11.35 -5.10
CA LYS A 66 15.11 -12.22 -4.81
C LYS A 66 15.49 -13.71 -4.75
N ASP A 67 16.52 -14.10 -5.50
N ASP A 67 16.48 -14.12 -5.54
CA ASP A 67 16.97 -15.49 -5.51
CA ASP A 67 16.94 -15.50 -5.45
C ASP A 67 17.64 -15.87 -4.17
C ASP A 67 17.30 -15.82 -4.00
N LYS A 68 17.96 -14.88 -3.34
CA LYS A 68 18.52 -15.15 -2.03
C LYS A 68 17.47 -15.01 -0.94
N TYR A 69 16.61 -13.99 -1.06
CA TYR A 69 15.81 -13.61 0.10
C TYR A 69 14.32 -13.89 -0.12
N GLY A 70 13.92 -14.25 -1.35
CA GLY A 70 12.51 -14.39 -1.66
C GLY A 70 12.08 -15.85 -1.48
N LYS A 71 12.19 -16.35 -0.25
CA LYS A 71 11.81 -17.71 0.08
C LYS A 71 10.87 -17.65 1.27
N PRO A 72 9.88 -18.58 1.41
CA PRO A 72 8.97 -18.54 2.56
C PRO A 72 9.69 -18.47 3.89
N ASN A 73 9.05 -17.81 4.84
CA ASN A 73 9.58 -17.60 6.17
C ASN A 73 8.43 -17.72 7.14
N LYS A 74 8.73 -18.23 8.34
CA LYS A 74 7.73 -18.52 9.35
C LYS A 74 7.10 -17.24 9.91
N ARG A 75 7.82 -16.12 9.81
CA ARG A 75 7.44 -14.89 10.48
C ARG A 75 6.11 -14.37 9.95
N LYS A 76 5.34 -13.72 10.84
CA LYS A 76 3.99 -13.23 10.56
C LYS A 76 4.00 -12.22 9.41
N GLY A 77 3.20 -12.48 8.37
CA GLY A 77 3.07 -11.48 7.33
C GLY A 77 4.07 -11.67 6.20
N PHE A 78 5.11 -12.47 6.43
CA PHE A 78 6.16 -12.59 5.44
C PHE A 78 5.65 -13.14 4.10
N ASN A 79 4.89 -14.23 4.12
CA ASN A 79 4.57 -14.95 2.90
C ASN A 79 3.51 -14.16 2.12
N GLU A 80 2.63 -13.48 2.85
CA GLU A 80 1.72 -12.53 2.28
C GLU A 80 2.54 -11.45 1.56
N GLY A 81 3.61 -11.02 2.24
CA GLY A 81 4.53 -10.02 1.66
C GLY A 81 5.17 -10.46 0.34
N LEU A 82 5.61 -11.71 0.28
CA LEU A 82 6.18 -12.26 -0.95
C LEU A 82 5.14 -12.18 -2.07
N TRP A 83 3.87 -12.52 -1.75
CA TRP A 83 2.85 -12.49 -2.80
C TRP A 83 2.69 -11.06 -3.33
N GLU A 84 2.66 -10.09 -2.42
CA GLU A 84 2.34 -8.71 -2.80
C GLU A 84 3.45 -8.16 -3.69
N ILE A 85 4.71 -8.44 -3.32
CA ILE A 85 5.83 -7.85 -4.05
C ILE A 85 5.90 -8.42 -5.46
N GLN A 86 5.51 -9.71 -5.62
CA GLN A 86 5.56 -10.36 -6.91
C GLN A 86 4.34 -10.02 -7.77
N ASN A 87 3.17 -9.86 -7.14
CA ASN A 87 1.90 -9.86 -7.86
C ASN A 87 1.21 -8.50 -7.95
N ASN A 88 1.39 -7.62 -6.95
CA ASN A 88 0.79 -6.29 -7.09
C ASN A 88 1.55 -5.30 -6.18
N PRO A 89 2.83 -5.07 -6.50
CA PRO A 89 3.71 -4.30 -5.62
C PRO A 89 3.41 -2.81 -5.57
N HIS A 90 2.54 -2.30 -6.49
CA HIS A 90 2.30 -0.85 -6.56
C HIS A 90 0.84 -0.51 -6.19
N ALA A 91 0.14 -1.48 -5.60
CA ALA A 91 -1.25 -1.25 -5.19
C ALA A 91 -1.34 -0.43 -3.90
N SER A 92 -2.54 0.10 -3.66
CA SER A 92 -2.91 0.65 -2.38
C SER A 92 -3.17 -0.48 -1.38
N TYR A 93 -2.49 -0.42 -0.23
CA TYR A 93 -2.63 -1.40 0.83
C TYR A 93 -3.15 -0.71 2.09
N SER A 94 -3.57 0.55 1.92
CA SER A 94 -4.11 1.40 2.96
C SER A 94 -5.39 0.80 3.58
N MET B 2 -23.42 37.57 -3.33
CA MET B 2 -23.66 38.30 -2.06
C MET B 2 -22.39 38.22 -1.21
N PRO B 3 -21.95 39.34 -0.58
CA PRO B 3 -20.83 39.29 0.36
C PRO B 3 -21.11 38.26 1.46
N HIS B 4 -20.07 37.50 1.81
CA HIS B 4 -20.14 36.50 2.88
C HIS B 4 -19.17 36.90 3.99
N ALA B 5 -19.26 36.18 5.13
CA ALA B 5 -18.38 36.49 6.25
C ALA B 5 -16.93 36.39 5.76
N PHE B 6 -16.67 35.31 5.03
CA PHE B 6 -15.39 35.15 4.32
C PHE B 6 -15.55 35.44 2.83
N LYS B 7 -14.58 36.15 2.27
CA LYS B 7 -14.64 36.48 0.86
C LYS B 7 -13.42 35.91 0.15
N PRO B 8 -13.51 35.65 -1.18
CA PRO B 8 -12.39 35.08 -1.92
C PRO B 8 -11.19 36.01 -1.75
N GLY B 9 -10.02 35.41 -1.45
CA GLY B 9 -8.79 36.10 -1.15
C GLY B 9 -8.44 36.19 0.33
N ASP B 10 -9.42 35.94 1.21
CA ASP B 10 -9.18 35.95 2.64
C ASP B 10 -8.22 34.81 3.00
N LEU B 11 -7.29 35.11 3.91
CA LEU B 11 -6.28 34.13 4.25
C LEU B 11 -6.65 33.51 5.59
N VAL B 12 -6.38 32.20 5.72
CA VAL B 12 -6.85 31.52 6.94
C VAL B 12 -5.82 30.41 7.25
N PHE B 13 -5.97 29.85 8.46
CA PHE B 13 -5.56 28.47 8.67
C PHE B 13 -6.84 27.64 8.60
N ALA B 14 -6.79 26.52 7.83
CA ALA B 14 -7.94 25.66 7.62
C ALA B 14 -7.65 24.28 8.20
N LYS B 15 -8.63 23.73 8.94
CA LYS B 15 -8.41 22.48 9.70
C LYS B 15 -9.15 21.33 9.04
N MET B 16 -8.38 20.27 8.68
CA MET B 16 -8.91 19.01 8.16
C MET B 16 -8.54 17.90 9.15
N LYS B 17 -9.44 16.94 9.30
CA LYS B 17 -9.15 15.76 10.10
C LYS B 17 -7.84 15.12 9.60
N GLY B 18 -6.93 14.86 10.54
CA GLY B 18 -5.66 14.20 10.24
C GLY B 18 -4.49 15.16 10.04
N TYR B 19 -4.75 16.48 10.06
CA TYR B 19 -3.71 17.41 9.65
C TYR B 19 -3.71 18.60 10.62
N PRO B 20 -2.55 19.26 10.83
CA PRO B 20 -2.50 20.46 11.65
C PRO B 20 -3.23 21.59 10.89
N HIS B 21 -3.74 22.56 11.65
CA HIS B 21 -4.30 23.77 11.06
C HIS B 21 -3.35 24.29 9.96
N TRP B 22 -3.87 24.54 8.74
CA TRP B 22 -2.97 24.57 7.59
C TRP B 22 -3.11 25.91 6.87
N PRO B 23 -2.00 26.64 6.52
CA PRO B 23 -2.12 27.92 5.81
C PRO B 23 -2.94 27.76 4.52
N ALA B 24 -3.92 28.64 4.28
CA ALA B 24 -4.82 28.40 3.16
C ALA B 24 -5.50 29.71 2.77
N ARG B 25 -6.28 29.65 1.69
CA ARG B 25 -7.06 30.80 1.24
C ARG B 25 -8.45 30.35 0.82
N ILE B 26 -9.38 31.33 0.90
CA ILE B 26 -10.69 31.19 0.29
C ILE B 26 -10.52 31.49 -1.19
N ASP B 27 -10.96 30.58 -2.03
CA ASP B 27 -10.96 30.81 -3.47
C ASP B 27 -12.35 31.24 -3.96
N ASP B 28 -12.39 31.78 -5.19
N ASP B 28 -12.41 31.76 -5.20
CA ASP B 28 -13.62 32.09 -5.90
CA ASP B 28 -13.66 32.13 -5.84
C ASP B 28 -14.23 30.79 -6.40
C ASP B 28 -14.21 30.90 -6.57
N ILE B 29 -15.54 30.83 -6.72
CA ILE B 29 -16.23 29.66 -7.27
C ILE B 29 -16.05 29.63 -8.80
N VAL B 34 -18.29 22.34 -9.96
CA VAL B 34 -19.10 22.17 -8.71
C VAL B 34 -19.22 23.53 -8.04
N LYS B 35 -20.30 23.73 -7.28
CA LYS B 35 -20.36 24.82 -6.30
C LYS B 35 -20.14 24.21 -4.92
N PRO B 36 -19.61 24.96 -3.92
CA PRO B 36 -19.49 24.42 -2.56
C PRO B 36 -20.86 24.02 -2.05
N PRO B 37 -20.98 22.93 -1.24
CA PRO B 37 -22.25 22.62 -0.57
C PRO B 37 -22.68 23.83 0.26
N PRO B 38 -23.94 23.84 0.75
CA PRO B 38 -24.40 24.91 1.66
C PRO B 38 -23.50 25.13 2.88
N ASN B 39 -23.22 26.40 3.18
CA ASN B 39 -22.51 26.83 4.37
C ASN B 39 -21.00 26.64 4.26
N LYS B 40 -20.47 26.20 3.11
CA LYS B 40 -19.06 25.87 3.02
C LYS B 40 -18.37 26.74 1.96
N TYR B 41 -17.03 26.82 2.01
CA TYR B 41 -16.30 27.62 1.05
C TYR B 41 -15.27 26.77 0.31
N PRO B 42 -14.85 27.19 -0.91
CA PRO B 42 -13.74 26.53 -1.59
C PRO B 42 -12.44 26.97 -0.91
N ILE B 43 -11.69 26.00 -0.39
CA ILE B 43 -10.41 26.24 0.24
C ILE B 43 -9.28 25.76 -0.67
N PHE B 44 -8.24 26.59 -0.73
CA PHE B 44 -6.98 26.26 -1.40
C PHE B 44 -5.90 26.20 -0.33
N PHE B 45 -5.29 25.01 -0.20
CA PHE B 45 -4.20 24.81 0.73
C PHE B 45 -2.85 25.17 0.12
N PHE B 46 -2.16 26.11 0.78
CA PHE B 46 -0.84 26.45 0.32
C PHE B 46 0.10 25.26 0.54
N GLY B 47 1.20 25.23 -0.24
CA GLY B 47 2.25 24.22 -0.06
C GLY B 47 1.89 22.95 -0.82
N THR B 48 0.78 22.31 -0.40
CA THR B 48 0.28 21.11 -1.04
C THR B 48 -0.43 21.45 -2.34
N HIS B 49 -1.07 22.62 -2.38
CA HIS B 49 -1.91 23.07 -3.50
C HIS B 49 -3.16 22.23 -3.66
N GLU B 50 -3.59 21.55 -2.60
CA GLU B 50 -4.83 20.78 -2.59
C GLU B 50 -6.01 21.70 -2.31
N THR B 51 -7.22 21.21 -2.63
CA THR B 51 -8.48 21.94 -2.44
C THR B 51 -9.43 21.06 -1.63
N ALA B 52 -10.33 21.72 -0.90
CA ALA B 52 -11.39 21.04 -0.19
C ALA B 52 -12.50 22.06 0.04
N PHE B 53 -13.65 21.56 0.48
CA PHE B 53 -14.76 22.41 0.90
C PHE B 53 -14.84 22.33 2.42
N LEU B 54 -14.75 23.48 3.09
CA LEU B 54 -14.80 23.50 4.54
C LEU B 54 -15.76 24.61 5.02
N GLY B 55 -16.26 24.39 6.23
CA GLY B 55 -17.19 25.32 6.86
C GLY B 55 -16.46 26.23 7.85
N PRO B 56 -17.09 27.35 8.30
CA PRO B 56 -16.41 28.29 9.18
C PRO B 56 -15.81 27.72 10.46
N LYS B 57 -16.38 26.62 11.01
CA LYS B 57 -15.88 26.06 12.26
C LYS B 57 -14.41 25.64 12.10
N ASP B 58 -14.01 25.42 10.83
CA ASP B 58 -12.69 24.91 10.52
C ASP B 58 -11.81 25.98 9.90
N LEU B 59 -12.25 27.24 9.97
CA LEU B 59 -11.56 28.33 9.27
C LEU B 59 -11.17 29.40 10.27
N PHE B 60 -9.89 29.65 10.37
CA PHE B 60 -9.34 30.52 11.38
C PHE B 60 -8.65 31.70 10.68
N PRO B 61 -9.21 32.93 10.78
CA PRO B 61 -8.52 34.09 10.18
C PRO B 61 -7.02 34.17 10.44
N TYR B 62 -6.22 34.38 9.36
CA TYR B 62 -4.79 34.16 9.44
C TYR B 62 -4.08 35.11 10.40
N ASP B 63 -4.45 36.39 10.31
CA ASP B 63 -3.88 37.43 11.15
C ASP B 63 -4.05 37.14 12.64
N LYS B 64 -5.28 36.82 13.05
CA LYS B 64 -5.56 36.49 14.44
C LYS B 64 -4.73 35.28 14.92
N SER B 65 -4.57 34.27 14.07
CA SER B 65 -4.19 32.94 14.52
C SER B 65 -2.75 32.53 14.12
N LYS B 66 -2.02 33.42 13.45
CA LYS B 66 -0.71 33.04 12.90
C LYS B 66 0.30 32.70 13.99
N ASP B 67 0.25 33.35 15.15
CA ASP B 67 1.30 33.00 16.10
C ASP B 67 1.01 31.66 16.77
N LYS B 68 -0.26 31.24 16.79
CA LYS B 68 -0.61 29.94 17.34
C LYS B 68 -0.34 28.84 16.33
N TYR B 69 -0.74 29.05 15.08
CA TYR B 69 -0.77 27.93 14.13
C TYR B 69 0.39 27.99 13.12
N GLY B 70 1.10 29.12 13.09
CA GLY B 70 2.05 29.35 12.01
C GLY B 70 3.46 28.82 12.27
N LYS B 71 3.62 27.79 13.13
CA LYS B 71 4.95 27.28 13.40
C LYS B 71 5.32 26.19 12.39
N PRO B 72 6.58 26.15 11.90
CA PRO B 72 7.03 25.05 11.03
C PRO B 72 6.83 23.67 11.65
N ASN B 73 6.60 22.66 10.80
CA ASN B 73 6.52 21.29 11.25
C ASN B 73 7.06 20.33 10.16
N LYS B 74 6.95 19.04 10.46
CA LYS B 74 7.53 17.99 9.61
C LYS B 74 6.54 17.49 8.55
N ARG B 75 5.34 18.08 8.44
CA ARG B 75 4.38 17.63 7.45
C ARG B 75 4.80 18.15 6.06
N LYS B 76 4.72 17.27 5.05
CA LYS B 76 5.06 17.60 3.67
C LYS B 76 4.17 18.73 3.16
N GLY B 77 4.80 19.82 2.73
CA GLY B 77 4.09 20.94 2.10
C GLY B 77 3.88 22.08 3.09
N PHE B 78 4.07 21.82 4.41
CA PHE B 78 3.69 22.83 5.41
C PHE B 78 4.59 24.06 5.37
N ASN B 79 5.91 23.87 5.40
CA ASN B 79 6.81 25.01 5.42
C ASN B 79 6.74 25.81 4.12
N GLU B 80 6.53 25.11 2.99
CA GLU B 80 6.33 25.77 1.73
C GLU B 80 5.02 26.57 1.77
N GLY B 81 3.98 25.99 2.41
CA GLY B 81 2.68 26.68 2.51
C GLY B 81 2.82 27.95 3.34
N LEU B 82 3.65 27.88 4.40
CA LEU B 82 3.96 29.06 5.19
C LEU B 82 4.67 30.11 4.35
N TRP B 83 5.62 29.71 3.49
CA TRP B 83 6.28 30.67 2.62
C TRP B 83 5.26 31.34 1.69
N GLU B 84 4.35 30.52 1.12
CA GLU B 84 3.41 30.97 0.13
C GLU B 84 2.42 31.98 0.71
N ILE B 85 1.88 31.69 1.90
CA ILE B 85 0.83 32.55 2.44
C ILE B 85 1.43 33.91 2.83
N GLN B 86 2.72 33.91 3.18
CA GLN B 86 3.44 35.10 3.59
C GLN B 86 3.91 35.91 2.37
N ASN B 87 4.37 35.23 1.31
CA ASN B 87 5.10 35.95 0.27
C ASN B 87 4.31 36.16 -1.01
N ASN B 88 3.35 35.31 -1.30
CA ASN B 88 2.61 35.41 -2.55
C ASN B 88 1.28 34.69 -2.41
N PRO B 89 0.42 35.13 -1.45
CA PRO B 89 -0.84 34.43 -1.16
C PRO B 89 -1.90 34.45 -2.26
N HIS B 90 -1.78 35.42 -3.19
CA HIS B 90 -2.83 35.55 -4.20
C HIS B 90 -2.35 35.13 -5.60
N ALA B 91 -1.26 34.39 -5.67
CA ALA B 91 -0.75 33.92 -6.96
C ALA B 91 -1.55 32.75 -7.52
N SER B 92 -1.37 32.52 -8.82
CA SER B 92 -1.81 31.31 -9.50
C SER B 92 -0.79 30.20 -9.22
N TYR B 93 -1.28 29.09 -8.63
CA TYR B 93 -0.50 27.91 -8.28
C TYR B 93 -0.96 26.74 -9.14
N SER B 94 -1.70 27.07 -10.20
CA SER B 94 -2.24 26.11 -11.15
C SER B 94 -1.13 25.42 -11.95
N ALA C 5 -10.06 -31.84 -18.53
CA ALA C 5 -9.42 -32.95 -17.79
C ALA C 5 -8.05 -32.53 -17.24
N PHE C 6 -7.51 -33.39 -16.37
CA PHE C 6 -6.37 -33.06 -15.53
C PHE C 6 -5.41 -34.25 -15.52
N LYS C 7 -4.10 -33.98 -15.56
CA LYS C 7 -3.12 -35.06 -15.45
C LYS C 7 -2.21 -34.81 -14.24
N PRO C 8 -1.51 -35.84 -13.70
CA PRO C 8 -0.60 -35.65 -12.57
C PRO C 8 0.45 -34.57 -12.79
N GLY C 9 0.43 -33.52 -11.95
CA GLY C 9 1.34 -32.40 -12.12
C GLY C 9 0.65 -31.09 -12.51
N ASP C 10 -0.57 -31.17 -13.06
CA ASP C 10 -1.40 -30.03 -13.45
C ASP C 10 -1.77 -29.15 -12.25
N LEU C 11 -1.60 -27.82 -12.41
CA LEU C 11 -1.77 -26.88 -11.31
C LEU C 11 -3.21 -26.36 -11.28
N VAL C 12 -3.80 -26.28 -10.07
CA VAL C 12 -5.21 -25.95 -9.93
C VAL C 12 -5.42 -25.15 -8.63
N PHE C 13 -6.59 -24.50 -8.52
CA PHE C 13 -7.21 -24.22 -7.24
C PHE C 13 -8.25 -25.30 -6.95
N ALA C 14 -8.20 -25.84 -5.71
CA ALA C 14 -9.03 -26.97 -5.31
C ALA C 14 -9.92 -26.54 -4.17
N LYS C 15 -11.23 -26.82 -4.29
CA LYS C 15 -12.16 -26.35 -3.29
C LYS C 15 -12.67 -27.54 -2.48
N MET C 16 -12.46 -27.46 -1.16
CA MET C 16 -12.97 -28.42 -0.19
C MET C 16 -13.91 -27.69 0.76
N LYS C 17 -14.91 -28.41 1.28
CA LYS C 17 -15.85 -27.79 2.21
C LYS C 17 -15.06 -27.35 3.44
N GLY C 18 -15.30 -26.09 3.84
CA GLY C 18 -14.68 -25.62 5.06
C GLY C 18 -13.34 -24.87 4.82
N TYR C 19 -12.95 -24.70 3.55
CA TYR C 19 -11.69 -24.06 3.14
C TYR C 19 -11.92 -23.22 1.91
N PRO C 20 -11.14 -22.11 1.74
CA PRO C 20 -11.20 -21.32 0.52
C PRO C 20 -10.59 -22.11 -0.64
N HIS C 21 -10.86 -21.65 -1.86
CA HIS C 21 -10.20 -22.23 -3.02
C HIS C 21 -8.69 -22.19 -2.77
N TRP C 22 -8.06 -23.36 -2.89
CA TRP C 22 -6.70 -23.54 -2.37
C TRP C 22 -5.71 -23.90 -3.49
N PRO C 23 -4.48 -23.32 -3.53
CA PRO C 23 -3.52 -23.70 -4.57
C PRO C 23 -3.09 -25.15 -4.38
N ALA C 24 -3.13 -25.91 -5.47
CA ALA C 24 -2.92 -27.35 -5.42
C ALA C 24 -2.42 -27.86 -6.77
N ARG C 25 -2.11 -29.17 -6.80
CA ARG C 25 -1.87 -29.82 -8.09
C ARG C 25 -2.50 -31.21 -8.06
N ILE C 26 -2.71 -31.75 -9.27
CA ILE C 26 -3.10 -33.15 -9.44
C ILE C 26 -1.88 -34.03 -9.20
N ASP C 27 -2.04 -35.01 -8.30
CA ASP C 27 -1.04 -36.04 -8.08
C ASP C 27 -1.13 -37.14 -9.14
N VAL C 34 -4.39 -47.86 -3.32
CA VAL C 34 -5.85 -47.56 -3.10
C VAL C 34 -6.29 -46.52 -4.13
N LYS C 35 -7.31 -46.92 -4.93
CA LYS C 35 -7.78 -46.16 -6.07
C LYS C 35 -8.68 -45.00 -5.58
N PRO C 36 -8.79 -43.88 -6.33
CA PRO C 36 -9.71 -42.81 -5.94
C PRO C 36 -11.13 -43.37 -5.88
N PRO C 37 -12.03 -42.80 -5.05
CA PRO C 37 -13.46 -43.05 -5.23
C PRO C 37 -13.78 -42.78 -6.71
N PRO C 38 -14.85 -43.39 -7.27
CA PRO C 38 -15.30 -43.08 -8.64
C PRO C 38 -15.27 -41.62 -9.02
N ASN C 39 -14.55 -41.31 -10.11
CA ASN C 39 -14.54 -39.99 -10.72
C ASN C 39 -13.89 -38.96 -9.79
N LYS C 40 -12.94 -39.37 -8.92
CA LYS C 40 -12.23 -38.41 -8.09
C LYS C 40 -10.75 -38.37 -8.43
N TYR C 41 -10.14 -37.18 -8.31
CA TYR C 41 -8.71 -37.04 -8.57
C TYR C 41 -7.97 -36.92 -7.25
N PRO C 42 -6.71 -37.44 -7.16
CA PRO C 42 -5.86 -37.23 -6.00
C PRO C 42 -5.26 -35.83 -6.10
N ILE C 43 -5.46 -35.05 -5.05
CA ILE C 43 -4.98 -33.67 -5.02
C ILE C 43 -3.89 -33.54 -3.96
N PHE C 44 -2.85 -32.74 -4.25
CA PHE C 44 -1.87 -32.31 -3.26
C PHE C 44 -2.02 -30.80 -3.08
N PHE C 45 -2.21 -30.35 -1.85
CA PHE C 45 -2.41 -28.95 -1.53
C PHE C 45 -1.08 -28.28 -1.22
N PHE C 46 -0.80 -27.16 -1.93
CA PHE C 46 0.43 -26.45 -1.59
C PHE C 46 0.31 -25.79 -0.22
N GLY C 47 1.46 -25.55 0.45
CA GLY C 47 1.46 -24.86 1.73
C GLY C 47 1.19 -25.79 2.91
N THR C 48 -0.02 -26.38 2.99
CA THR C 48 -0.31 -27.38 4.00
C THR C 48 0.38 -28.70 3.65
N HIS C 49 0.58 -29.00 2.35
CA HIS C 49 1.16 -30.26 1.88
C HIS C 49 0.29 -31.48 2.22
N GLU C 50 -1.03 -31.28 2.35
CA GLU C 50 -1.97 -32.36 2.63
C GLU C 50 -2.50 -32.94 1.31
N THR C 51 -3.22 -34.06 1.40
CA THR C 51 -3.80 -34.65 0.20
C THR C 51 -5.29 -34.94 0.43
N ALA C 52 -6.03 -35.06 -0.65
CA ALA C 52 -7.44 -35.41 -0.62
C ALA C 52 -7.85 -35.91 -1.99
N PHE C 53 -9.06 -36.48 -2.07
CA PHE C 53 -9.66 -36.83 -3.36
C PHE C 53 -10.79 -35.86 -3.61
N LEU C 54 -10.85 -35.30 -4.83
CA LEU C 54 -11.86 -34.33 -5.18
C LEU C 54 -12.34 -34.59 -6.61
N GLY C 55 -13.59 -34.22 -6.88
CA GLY C 55 -14.15 -34.34 -8.21
C GLY C 55 -13.87 -33.10 -9.06
N PRO C 56 -14.02 -33.21 -10.39
CA PRO C 56 -13.58 -32.16 -11.30
C PRO C 56 -14.34 -30.85 -11.10
N LYS C 57 -15.51 -30.95 -10.46
CA LYS C 57 -16.35 -29.80 -10.19
C LYS C 57 -15.61 -28.88 -9.23
N ASP C 58 -14.72 -29.48 -8.43
CA ASP C 58 -14.11 -28.75 -7.32
C ASP C 58 -12.75 -28.22 -7.70
N LEU C 59 -12.41 -28.27 -9.00
CA LEU C 59 -11.06 -27.99 -9.46
C LEU C 59 -11.11 -26.94 -10.56
N PHE C 60 -10.12 -26.02 -10.55
CA PHE C 60 -10.04 -24.89 -11.48
C PHE C 60 -8.60 -24.76 -11.98
N PRO C 61 -8.30 -24.76 -13.32
CA PRO C 61 -6.91 -24.62 -13.76
C PRO C 61 -6.28 -23.33 -13.22
N TYR C 62 -5.02 -23.45 -12.79
CA TYR C 62 -4.30 -22.37 -12.13
C TYR C 62 -4.26 -21.11 -13.01
N ASP C 63 -3.91 -21.26 -14.29
CA ASP C 63 -3.76 -20.09 -15.15
C ASP C 63 -5.09 -19.39 -15.41
N LYS C 64 -6.15 -20.16 -15.67
CA LYS C 64 -7.46 -19.60 -15.97
C LYS C 64 -8.03 -18.88 -14.75
N SER C 65 -7.73 -19.33 -13.52
CA SER C 65 -8.53 -18.87 -12.39
C SER C 65 -7.72 -18.09 -11.36
N LYS C 66 -6.40 -17.94 -11.57
CA LYS C 66 -5.56 -17.31 -10.55
C LYS C 66 -5.95 -15.85 -10.30
N ASP C 67 -6.43 -15.14 -11.32
CA ASP C 67 -6.88 -13.76 -11.13
C ASP C 67 -7.97 -13.71 -10.08
N LYS C 68 -8.78 -14.77 -9.99
CA LYS C 68 -9.88 -14.80 -9.04
C LYS C 68 -9.47 -15.37 -7.66
N TYR C 69 -8.69 -16.46 -7.63
CA TYR C 69 -8.48 -17.16 -6.35
C TYR C 69 -7.06 -16.95 -5.83
N GLY C 70 -6.17 -16.42 -6.67
CA GLY C 70 -4.77 -16.29 -6.28
C GLY C 70 -4.56 -14.95 -5.59
N LYS C 71 -5.05 -14.87 -4.36
CA LYS C 71 -4.94 -13.65 -3.57
C LYS C 71 -4.74 -14.12 -2.14
N PRO C 72 -3.96 -13.39 -1.31
CA PRO C 72 -3.68 -13.87 0.04
C PRO C 72 -4.90 -14.10 0.91
N ASN C 73 -4.73 -14.97 1.89
CA ASN C 73 -5.67 -14.96 2.99
C ASN C 73 -4.98 -15.54 4.20
N LYS C 74 -5.67 -15.47 5.34
CA LYS C 74 -4.99 -15.68 6.61
C LYS C 74 -5.03 -17.14 7.03
N ARG C 75 -5.64 -18.01 6.21
CA ARG C 75 -5.75 -19.40 6.60
C ARG C 75 -4.38 -20.05 6.65
N LYS C 76 -4.21 -20.93 7.64
CA LYS C 76 -2.93 -21.58 7.90
C LYS C 76 -2.37 -22.22 6.63
N GLY C 77 -1.18 -21.75 6.23
CA GLY C 77 -0.47 -22.42 5.17
C GLY C 77 -0.79 -21.83 3.79
N PHE C 78 -1.79 -20.94 3.70
CA PHE C 78 -2.34 -20.56 2.41
C PHE C 78 -1.30 -19.75 1.64
N ASN C 79 -0.68 -18.78 2.31
CA ASN C 79 0.17 -17.86 1.57
C ASN C 79 1.46 -18.56 1.14
N GLU C 80 1.97 -19.42 2.02
CA GLU C 80 3.08 -20.26 1.61
C GLU C 80 2.67 -21.11 0.41
N GLY C 81 1.42 -21.59 0.39
CA GLY C 81 0.93 -22.34 -0.78
C GLY C 81 1.00 -21.52 -2.07
N LEU C 82 0.61 -20.24 -1.98
CA LEU C 82 0.65 -19.33 -3.13
C LEU C 82 2.10 -19.19 -3.62
N TRP C 83 3.06 -19.10 -2.70
CA TRP C 83 4.45 -18.99 -3.12
C TRP C 83 4.94 -20.24 -3.85
N GLU C 84 4.49 -21.42 -3.39
CA GLU C 84 4.94 -22.67 -3.99
C GLU C 84 4.36 -22.86 -5.38
N ILE C 85 3.06 -22.54 -5.57
CA ILE C 85 2.40 -22.79 -6.83
C ILE C 85 3.01 -21.94 -7.95
N GLN C 86 3.49 -20.76 -7.58
CA GLN C 86 4.08 -19.79 -8.50
C GLN C 86 5.56 -20.07 -8.72
N ASN C 87 6.26 -20.44 -7.63
CA ASN C 87 7.73 -20.39 -7.60
C ASN C 87 8.37 -21.78 -7.57
N ASN C 88 7.67 -22.81 -7.06
CA ASN C 88 8.30 -24.12 -6.91
C ASN C 88 7.24 -25.23 -6.98
N PRO C 89 6.46 -25.30 -8.08
CA PRO C 89 5.26 -26.13 -8.14
C PRO C 89 5.44 -27.63 -8.30
N HIS C 90 6.67 -28.05 -8.63
CA HIS C 90 6.92 -29.46 -8.87
C HIS C 90 8.02 -29.99 -7.93
N ALA C 91 8.39 -29.23 -6.89
CA ALA C 91 9.17 -29.79 -5.79
C ALA C 91 8.35 -30.88 -5.06
N SER C 92 9.02 -31.65 -4.19
CA SER C 92 8.51 -32.93 -3.73
C SER C 92 7.77 -32.83 -2.39
N TYR C 93 8.19 -31.87 -1.56
CA TYR C 93 7.54 -31.56 -0.28
C TYR C 93 7.17 -32.85 0.48
#